data_7BHX
#
_entry.id   7BHX
#
_cell.length_a   68.044
_cell.length_b   94.026
_cell.length_c   117.054
_cell.angle_alpha   90.000
_cell.angle_beta   90.000
_cell.angle_gamma   90.000
#
_symmetry.space_group_name_H-M   'I 2 2 2'
#
loop_
_entity.id
_entity.type
_entity.pdbx_description
1 polymer 'S-adenosylmethionine synthase isoform type-2'
2 non-polymer 'DIMETHYL SULFOXIDE'
3 non-polymer 7-chloranyl-4-(dimethylamino)-1-pyridin-3-yl-quinazolin-2-one
4 non-polymer S-ADENOSYLMETHIONINE
5 non-polymer 'CHLORIDE ION'
6 water water
#
_entity_poly.entity_id   1
_entity_poly.type   'polypeptide(L)'
_entity_poly.pdbx_seq_one_letter_code
;QSMNGQLNGFHEAFIEEGTFLFTSESVGEGHPDKICDQISDAVLDAHLQQDPDAKVACETVAKTGMILLAGEITSRAAVD
YQKVVREAVKHIGYDDSSKGFDYKTCNVLVALEQQSPDIAQGVHLDRNEEDIGAGDQGLMFGYATDETEECMPLTIVLAH
KLNAKLAELRRNGTLPWLRPDSKTQVTVQYMQDRGAVLPIRVHTIVISVQHDEEVCLDEMRDALKEKVIKAVVPAKYLDE
DTIYHLQPSGRFVIGGPQGDAGLTGRKIIVDTYGGWGAHGGGAFSGKDYTKVDRSAAYAARWVAKSLVKGGLCRRVLVQV
SYAIGVSHPLSISIFHYGTSQKSERELLEIVKKNFDLRPGVIVRDLDLKKPIYQRTAAYGHFGRDSFPWEVPKKLKY
;
_entity_poly.pdbx_strand_id   A
#
loop_
_chem_comp.id
_chem_comp.type
_chem_comp.name
_chem_comp.formula
CL non-polymer 'CHLORIDE ION' 'Cl -1'
DMS non-polymer 'DIMETHYL SULFOXIDE' 'C2 H6 O S'
SAM non-polymer S-ADENOSYLMETHIONINE 'C15 H22 N6 O5 S'
TO5 non-polymer 7-chloranyl-4-(dimethylamino)-1-pyridin-3-yl-quinazolin-2-one 'C15 H13 Cl N4 O'
#
# COMPACT_ATOMS: atom_id res chain seq x y z
N GLY A 18 -8.48 25.15 16.99
CA GLY A 18 -8.78 24.10 16.03
C GLY A 18 -7.55 23.48 15.41
N THR A 19 -6.34 24.02 15.72
CA THR A 19 -5.11 23.43 15.16
C THR A 19 -4.79 22.08 15.83
N PHE A 20 -4.26 21.15 15.04
CA PHE A 20 -3.81 19.87 15.59
C PHE A 20 -2.71 19.30 14.71
N LEU A 21 -1.99 18.32 15.24
CA LEU A 21 -0.95 17.64 14.48
C LEU A 21 -1.46 16.26 14.06
N PHE A 22 -0.91 15.75 12.98
CA PHE A 22 -1.14 14.34 12.61
C PHE A 22 0.10 13.85 11.91
N THR A 23 0.50 12.59 12.19
CA THR A 23 1.71 12.04 11.61
C THR A 23 1.42 10.79 10.81
N SER A 24 2.11 10.65 9.68
CA SER A 24 2.11 9.43 8.87
C SER A 24 3.50 9.06 8.44
N GLU A 25 3.73 7.78 8.14
CA GLU A 25 5.04 7.36 7.64
C GLU A 25 4.91 6.64 6.29
N SER A 26 6.04 6.48 5.64
CA SER A 26 6.15 5.66 4.45
C SER A 26 7.53 4.99 4.46
N VAL A 27 7.72 3.98 3.61
CA VAL A 27 9.00 3.32 3.52
C VAL A 27 9.38 3.14 2.06
N GLY A 28 10.67 2.93 1.83
CA GLY A 28 11.17 2.74 0.47
C GLY A 28 11.05 1.32 -0.05
N GLU A 29 11.38 1.18 -1.34
CA GLU A 29 11.28 -0.10 -2.02
C GLU A 29 12.18 -1.18 -1.40
N GLY A 30 13.29 -0.78 -0.78
CA GLY A 30 14.21 -1.72 -0.18
C GLY A 30 14.01 -1.92 1.31
N HIS A 31 12.97 -1.29 1.90
CA HIS A 31 12.63 -1.60 3.27
C HIS A 31 12.29 -3.11 3.29
N PRO A 32 12.76 -3.89 4.27
CA PRO A 32 12.61 -5.36 4.18
C PRO A 32 11.17 -5.85 4.13
N ASP A 33 10.24 -5.19 4.84
CA ASP A 33 8.83 -5.57 4.74
C ASP A 33 8.33 -5.28 3.33
N LYS A 34 8.70 -4.11 2.78
CA LYS A 34 8.27 -3.79 1.43
C LYS A 34 8.89 -4.69 0.38
N ILE A 35 10.12 -5.15 0.58
CA ILE A 35 10.69 -6.13 -0.36
C ILE A 35 9.75 -7.33 -0.43
N CYS A 36 9.29 -7.81 0.75
CA CYS A 36 8.40 -8.96 0.80
C CYS A 36 7.09 -8.70 0.06
N ASP A 37 6.48 -7.53 0.25
CA ASP A 37 5.25 -7.22 -0.46
C ASP A 37 5.48 -7.24 -1.96
N GLN A 38 6.59 -6.65 -2.43
CA GLN A 38 6.83 -6.59 -3.85
C GLN A 38 7.11 -7.97 -4.42
N ILE A 39 7.84 -8.85 -3.70
CA ILE A 39 8.07 -10.20 -4.20
C ILE A 39 6.73 -10.98 -4.22
N SER A 40 5.92 -10.88 -3.15
CA SER A 40 4.62 -11.57 -3.13
C SER A 40 3.80 -11.16 -4.35
N ASP A 41 3.80 -9.86 -4.70
CA ASP A 41 3.03 -9.41 -5.84
C ASP A 41 3.68 -9.72 -7.19
N ALA A 42 5.02 -9.83 -7.23
CA ALA A 42 5.69 -10.30 -8.45
C ALA A 42 5.27 -11.75 -8.73
N VAL A 43 5.15 -12.56 -7.68
CA VAL A 43 4.70 -13.94 -7.80
C VAL A 43 3.24 -14.00 -8.29
N LEU A 44 2.39 -13.17 -7.67
CA LEU A 44 0.99 -13.11 -8.09
C LEU A 44 0.89 -12.72 -9.57
N ASP A 45 1.62 -11.66 -9.97
CA ASP A 45 1.56 -11.22 -11.37
C ASP A 45 2.04 -12.31 -12.30
N ALA A 46 3.11 -13.01 -11.93
CA ALA A 46 3.64 -14.07 -12.80
C ALA A 46 2.60 -15.14 -13.02
N HIS A 47 1.85 -15.49 -11.98
CA HIS A 47 0.79 -16.46 -12.16
C HIS A 47 -0.35 -15.92 -13.03
N LEU A 48 -0.79 -14.68 -12.77
CA LEU A 48 -1.90 -14.09 -13.52
C LEU A 48 -1.58 -13.88 -14.99
N GLN A 49 -0.31 -13.69 -15.35
CA GLN A 49 0.06 -13.55 -16.77
C GLN A 49 -0.28 -14.82 -17.55
N GLN A 50 -0.27 -15.98 -16.90
CA GLN A 50 -0.57 -17.26 -17.56
C GLN A 50 -1.94 -17.81 -17.23
N ASP A 51 -2.42 -17.58 -16.00
CA ASP A 51 -3.69 -18.13 -15.55
C ASP A 51 -4.42 -17.00 -14.82
N PRO A 52 -5.36 -16.31 -15.50
CA PRO A 52 -6.09 -15.21 -14.86
C PRO A 52 -6.88 -15.62 -13.63
N ASP A 53 -7.16 -16.93 -13.51
CA ASP A 53 -7.92 -17.49 -12.39
C ASP A 53 -7.08 -18.16 -11.35
N ALA A 54 -5.76 -17.90 -11.36
CA ALA A 54 -4.88 -18.46 -10.32
C ALA A 54 -5.37 -18.07 -8.92
N LYS A 55 -5.30 -19.04 -7.96
CA LYS A 55 -5.61 -18.83 -6.56
C LYS A 55 -4.28 -18.72 -5.86
N VAL A 56 -3.96 -17.51 -5.36
CA VAL A 56 -2.62 -17.19 -4.84
C VAL A 56 -2.71 -16.61 -3.47
N ALA A 57 -1.88 -17.15 -2.56
CA ALA A 57 -1.77 -16.70 -1.18
C ALA A 57 -0.29 -16.83 -0.80
N CYS A 58 0.56 -15.96 -1.37
CA CYS A 58 1.99 -16.08 -1.27
C CYS A 58 2.58 -15.15 -0.27
N GLU A 59 3.02 -15.67 0.88
CA GLU A 59 3.73 -14.84 1.86
C GLU A 59 5.23 -14.90 1.54
N THR A 60 5.94 -13.82 1.82
CA THR A 60 7.38 -13.72 1.67
C THR A 60 7.99 -13.31 2.99
N VAL A 61 9.15 -13.92 3.32
CA VAL A 61 9.94 -13.60 4.49
C VAL A 61 11.34 -13.30 3.99
N ALA A 62 11.94 -12.23 4.54
CA ALA A 62 13.31 -11.86 4.16
C ALA A 62 14.18 -11.67 5.39
N LYS A 63 15.36 -12.30 5.39
CA LYS A 63 16.34 -12.05 6.43
C LYS A 63 17.69 -12.15 5.70
N THR A 64 18.80 -11.89 6.39
CA THR A 64 20.11 -11.90 5.73
C THR A 64 20.24 -13.07 4.77
N GLY A 65 20.52 -12.76 3.50
CA GLY A 65 20.74 -13.76 2.46
C GLY A 65 19.59 -14.65 2.09
N MET A 66 18.37 -14.37 2.59
CA MET A 66 17.27 -15.29 2.37
C MET A 66 15.97 -14.62 1.96
N ILE A 67 15.36 -15.19 0.92
CA ILE A 67 13.98 -14.96 0.56
C ILE A 67 13.29 -16.32 0.71
N LEU A 68 12.27 -16.42 1.58
CA LEU A 68 11.47 -17.61 1.70
C LEU A 68 10.05 -17.29 1.23
N LEU A 69 9.50 -18.12 0.34
CA LEU A 69 8.10 -18.05 -0.06
C LEU A 69 7.33 -19.12 0.70
N ALA A 70 6.24 -18.76 1.37
CA ALA A 70 5.44 -19.71 2.12
C ALA A 70 3.97 -19.42 1.87
N GLY A 71 3.18 -20.44 1.60
CA GLY A 71 1.77 -20.22 1.32
C GLY A 71 1.20 -21.23 0.38
N GLU A 72 0.11 -20.80 -0.30
CA GLU A 72 -0.74 -21.70 -1.06
C GLU A 72 -1.06 -21.11 -2.41
N ILE A 73 -0.78 -21.87 -3.45
CA ILE A 73 -1.06 -21.46 -4.84
C ILE A 73 -1.64 -22.63 -5.58
N THR A 74 -2.80 -22.45 -6.24
CA THR A 74 -3.36 -23.41 -7.18
C THR A 74 -3.51 -22.65 -8.48
N SER A 75 -2.76 -23.08 -9.51
CA SER A 75 -2.68 -22.34 -10.75
C SER A 75 -2.23 -23.26 -11.86
N ARG A 76 -2.65 -22.91 -13.09
CA ARG A 76 -2.22 -23.67 -14.28
C ARG A 76 -0.91 -23.07 -14.82
N ALA A 77 -0.42 -21.97 -14.22
CA ALA A 77 0.82 -21.36 -14.70
C ALA A 77 2.04 -22.21 -14.34
N ALA A 78 3.09 -22.06 -15.13
CA ALA A 78 4.40 -22.67 -14.84
C ALA A 78 5.30 -21.46 -14.51
N VAL A 79 5.57 -21.26 -13.22
CA VAL A 79 6.32 -20.10 -12.74
C VAL A 79 7.67 -20.52 -12.20
N ASP A 80 8.71 -19.81 -12.64
CA ASP A 80 10.07 -20.08 -12.19
C ASP A 80 10.29 -19.13 -11.01
N TYR A 81 10.07 -19.63 -9.78
CA TYR A 81 10.20 -18.81 -8.58
C TYR A 81 11.57 -18.21 -8.39
N GLN A 82 12.63 -18.94 -8.70
CA GLN A 82 13.97 -18.40 -8.56
C GLN A 82 14.11 -17.15 -9.42
N LYS A 83 13.72 -17.22 -10.72
CA LYS A 83 13.83 -16.07 -11.61
C LYS A 83 12.93 -14.90 -11.16
N VAL A 84 11.69 -15.18 -10.77
CA VAL A 84 10.76 -14.11 -10.40
C VAL A 84 11.23 -13.38 -9.15
N VAL A 85 11.66 -14.13 -8.13
CA VAL A 85 12.16 -13.50 -6.91
C VAL A 85 13.41 -12.67 -7.18
N ARG A 86 14.38 -13.25 -7.91
CA ARG A 86 15.63 -12.56 -8.12
C ARG A 86 15.46 -11.31 -8.97
N GLU A 87 14.59 -11.36 -9.97
CA GLU A 87 14.32 -10.18 -10.80
C GLU A 87 13.68 -9.06 -9.96
N ALA A 88 12.80 -9.41 -9.00
CA ALA A 88 12.17 -8.38 -8.17
C ALA A 88 13.23 -7.71 -7.29
N VAL A 89 14.15 -8.51 -6.73
CA VAL A 89 15.21 -7.97 -5.88
C VAL A 89 16.15 -7.10 -6.70
N LYS A 90 16.48 -7.54 -7.92
CA LYS A 90 17.30 -6.72 -8.82
C LYS A 90 16.68 -5.34 -9.04
N HIS A 91 15.37 -5.32 -9.34
CA HIS A 91 14.66 -4.05 -9.63
C HIS A 91 14.78 -3.09 -8.44
N ILE A 92 14.64 -3.64 -7.23
CA ILE A 92 14.72 -2.88 -5.99
C ILE A 92 16.10 -2.23 -5.81
N GLY A 93 17.14 -2.92 -6.29
CA GLY A 93 18.49 -2.40 -6.27
C GLY A 93 19.46 -3.13 -5.37
N TYR A 94 19.06 -4.31 -4.82
CA TYR A 94 19.99 -5.09 -3.99
C TYR A 94 20.77 -6.04 -4.87
N ASP A 95 21.93 -5.55 -5.35
CA ASP A 95 22.71 -6.23 -6.38
C ASP A 95 24.17 -6.41 -6.03
N ASP A 96 24.53 -6.36 -4.75
CA ASP A 96 25.93 -6.53 -4.37
C ASP A 96 26.06 -6.77 -2.89
N SER A 97 26.98 -7.64 -2.51
CA SER A 97 27.15 -7.91 -1.07
C SER A 97 27.54 -6.66 -0.29
N SER A 98 28.16 -5.64 -0.96
CA SER A 98 28.49 -4.41 -0.24
C SER A 98 27.24 -3.69 0.28
N LYS A 99 26.07 -3.91 -0.39
CA LYS A 99 24.81 -3.28 -0.01
C LYS A 99 24.03 -4.09 1.03
N GLY A 100 24.53 -5.28 1.37
CA GLY A 100 23.92 -6.11 2.40
C GLY A 100 23.04 -7.21 1.85
N PHE A 101 22.79 -7.21 0.53
CA PHE A 101 21.87 -8.19 -0.09
C PHE A 101 22.12 -8.16 -1.58
N ASP A 102 22.09 -9.34 -2.22
CA ASP A 102 22.35 -9.46 -3.65
C ASP A 102 21.43 -10.47 -4.28
N TYR A 103 20.60 -10.02 -5.26
CA TYR A 103 19.71 -10.93 -5.97
C TYR A 103 20.44 -12.07 -6.65
N LYS A 104 21.69 -11.84 -7.09
CA LYS A 104 22.37 -12.90 -7.81
C LYS A 104 22.74 -14.10 -6.94
N THR A 105 23.01 -13.85 -5.64
CA THR A 105 23.64 -14.84 -4.76
C THR A 105 22.87 -15.15 -3.50
N CYS A 106 21.70 -14.55 -3.30
CA CYS A 106 20.92 -14.89 -2.10
C CYS A 106 20.29 -16.28 -2.25
N ASN A 107 19.84 -16.82 -1.10
CA ASN A 107 19.10 -18.06 -1.04
C ASN A 107 17.63 -17.75 -1.32
N VAL A 108 17.00 -18.55 -2.20
CA VAL A 108 15.56 -18.50 -2.45
C VAL A 108 15.03 -19.87 -2.06
N LEU A 109 14.18 -19.90 -1.02
CA LEU A 109 13.59 -21.13 -0.48
C LEU A 109 12.10 -21.08 -0.74
N VAL A 110 11.51 -22.23 -1.13
CA VAL A 110 10.10 -22.29 -1.46
C VAL A 110 9.38 -23.34 -0.62
N ALA A 111 8.31 -22.92 0.08
CA ALA A 111 7.41 -23.76 0.88
C ALA A 111 6.00 -23.47 0.45
N LEU A 112 5.69 -23.80 -0.81
CA LEU A 112 4.40 -23.50 -1.42
C LEU A 112 3.65 -24.78 -1.70
N GLU A 113 2.41 -24.84 -1.25
CA GLU A 113 1.56 -25.99 -1.52
CA GLU A 113 1.52 -25.97 -1.45
C GLU A 113 0.32 -25.51 -2.25
N GLN A 114 -0.56 -26.43 -2.63
CA GLN A 114 -1.83 -26.05 -3.28
C GLN A 114 -2.74 -25.40 -2.24
N GLN A 115 -3.72 -24.63 -2.72
CA GLN A 115 -4.75 -24.13 -1.84
C GLN A 115 -5.46 -25.28 -1.15
N SER A 116 -5.77 -25.10 0.14
CA SER A 116 -6.57 -26.09 0.85
C SER A 116 -7.81 -26.46 0.03
N PRO A 117 -8.08 -27.77 -0.20
CA PRO A 117 -9.30 -28.14 -0.91
C PRO A 117 -10.55 -27.78 -0.10
N ASP A 118 -10.43 -27.70 1.25
CA ASP A 118 -11.58 -27.29 2.07
C ASP A 118 -11.96 -25.84 1.82
N ILE A 119 -10.97 -24.97 1.66
CA ILE A 119 -11.22 -23.58 1.31
C ILE A 119 -11.79 -23.54 -0.12
N ALA A 120 -11.13 -24.23 -1.06
CA ALA A 120 -11.58 -24.15 -2.47
C ALA A 120 -13.03 -24.56 -2.60
N GLN A 121 -13.43 -25.69 -1.98
CA GLN A 121 -14.83 -26.15 -2.12
C GLN A 121 -15.84 -25.18 -1.49
N GLY A 122 -15.42 -24.46 -0.45
CA GLY A 122 -16.34 -23.54 0.22
C GLY A 122 -16.41 -22.17 -0.39
N VAL A 123 -15.41 -21.80 -1.21
CA VAL A 123 -15.32 -20.47 -1.76
C VAL A 123 -15.71 -20.37 -3.22
N HIS A 124 -15.10 -21.22 -4.07
CA HIS A 124 -15.22 -21.00 -5.50
C HIS A 124 -15.52 -22.21 -6.35
N LEU A 125 -15.28 -23.42 -5.85
CA LEU A 125 -15.53 -24.56 -6.70
C LEU A 125 -17.00 -24.70 -7.07
N ASP A 126 -17.26 -24.87 -8.37
CA ASP A 126 -18.64 -25.04 -8.89
C ASP A 126 -19.52 -23.83 -8.57
N ARG A 127 -18.93 -22.63 -8.56
CA ARG A 127 -19.68 -21.41 -8.32
C ARG A 127 -19.64 -20.53 -9.53
N ASN A 128 -20.79 -19.93 -9.85
CA ASN A 128 -20.83 -18.93 -10.91
C ASN A 128 -19.91 -17.76 -10.46
N GLU A 129 -19.07 -17.25 -11.36
CA GLU A 129 -18.11 -16.22 -10.91
C GLU A 129 -18.76 -15.04 -10.14
N GLU A 130 -19.87 -14.49 -10.67
CA GLU A 130 -20.47 -13.36 -9.99
C GLU A 130 -20.89 -13.71 -8.56
N ASP A 131 -21.15 -15.02 -8.32
CA ASP A 131 -21.64 -15.58 -7.06
C ASP A 131 -20.60 -16.32 -6.26
N ILE A 132 -19.29 -16.08 -6.58
CA ILE A 132 -18.21 -16.70 -5.82
C ILE A 132 -18.30 -16.20 -4.37
N GLY A 133 -17.96 -17.04 -3.43
CA GLY A 133 -17.95 -16.59 -2.05
C GLY A 133 -16.73 -15.76 -1.72
N ALA A 134 -16.83 -14.93 -0.68
CA ALA A 134 -15.63 -14.27 -0.20
C ALA A 134 -14.60 -15.35 0.19
N GLY A 135 -13.32 -15.07 -0.06
CA GLY A 135 -12.27 -16.05 0.23
C GLY A 135 -11.91 -16.19 1.70
N ASP A 136 -12.51 -15.33 2.55
CA ASP A 136 -12.30 -15.34 3.97
C ASP A 136 -13.37 -14.48 4.57
N GLN A 137 -13.56 -14.58 5.91
CA GLN A 137 -14.29 -13.53 6.60
C GLN A 137 -13.36 -12.29 6.70
N GLY A 138 -13.88 -11.19 7.22
CA GLY A 138 -13.05 -10.04 7.55
C GLY A 138 -13.78 -8.75 7.38
N LEU A 139 -13.10 -7.69 7.80
CA LEU A 139 -13.60 -6.32 7.70
C LEU A 139 -12.59 -5.51 6.93
N MET A 140 -13.07 -4.48 6.20
CA MET A 140 -12.18 -3.67 5.35
C MET A 140 -12.70 -2.26 5.37
N PHE A 141 -11.81 -1.26 5.21
CA PHE A 141 -12.23 0.13 5.15
C PHE A 141 -11.69 0.84 3.95
N GLY A 142 -12.47 1.79 3.44
CA GLY A 142 -12.06 2.72 2.40
C GLY A 142 -12.13 4.12 2.98
N TYR A 143 -11.24 5.02 2.52
CA TYR A 143 -11.22 6.38 3.01
C TYR A 143 -10.88 7.32 1.85
N ALA A 144 -11.39 8.55 1.92
CA ALA A 144 -11.00 9.58 0.97
C ALA A 144 -11.15 10.92 1.66
N THR A 145 -10.28 11.86 1.27
CA THR A 145 -10.26 13.22 1.83
C THR A 145 -9.97 14.21 0.71
N ASP A 146 -10.73 15.30 0.66
CA ASP A 146 -10.56 16.32 -0.38
C ASP A 146 -9.35 17.23 -0.16
N GLU A 147 -8.50 16.94 0.86
CA GLU A 147 -7.36 17.81 1.17
C GLU A 147 -6.30 17.81 0.07
N THR A 148 -6.27 16.78 -0.80
CA THR A 148 -5.41 16.72 -1.96
C THR A 148 -6.28 16.32 -3.14
N GLU A 149 -5.85 16.66 -4.38
CA GLU A 149 -6.62 16.29 -5.58
C GLU A 149 -6.85 14.79 -5.67
N GLU A 150 -5.81 14.02 -5.35
CA GLU A 150 -5.89 12.55 -5.41
C GLU A 150 -6.69 11.96 -4.24
N CYS A 151 -7.20 12.77 -3.34
CA CYS A 151 -8.09 12.38 -2.25
C CYS A 151 -7.43 11.53 -1.18
N MET A 152 -6.15 11.83 -0.93
CA MET A 152 -5.35 11.17 0.09
C MET A 152 -4.85 12.16 1.16
N PRO A 153 -4.55 11.68 2.36
CA PRO A 153 -3.97 12.59 3.37
C PRO A 153 -2.62 13.14 2.93
N LEU A 154 -2.42 14.44 3.12
CA LEU A 154 -1.15 15.07 2.73
C LEU A 154 0.02 14.44 3.49
N THR A 155 -0.17 14.07 4.77
CA THR A 155 0.91 13.48 5.54
C THR A 155 1.53 12.30 4.82
N ILE A 156 0.68 11.36 4.36
CA ILE A 156 1.24 10.16 3.74
C ILE A 156 1.67 10.41 2.29
N VAL A 157 1.00 11.32 1.56
CA VAL A 157 1.46 11.64 0.20
C VAL A 157 2.88 12.17 0.26
N LEU A 158 3.15 13.11 1.18
CA LEU A 158 4.49 13.65 1.28
C LEU A 158 5.49 12.59 1.72
N ALA A 159 5.11 11.74 2.70
CA ALA A 159 6.01 10.69 3.16
C ALA A 159 6.39 9.73 1.99
N HIS A 160 5.39 9.33 1.16
CA HIS A 160 5.68 8.48 0.00
C HIS A 160 6.61 9.17 -0.98
N LYS A 161 6.31 10.46 -1.29
CA LYS A 161 7.12 11.16 -2.27
C LYS A 161 8.58 11.33 -1.79
N LEU A 162 8.81 11.47 -0.48
CA LEU A 162 10.19 11.54 0.01
C LEU A 162 10.93 10.24 -0.27
N ASN A 163 10.26 9.06 -0.05
CA ASN A 163 10.92 7.78 -0.40
C ASN A 163 11.15 7.66 -1.88
N ALA A 164 10.20 8.10 -2.71
CA ALA A 164 10.35 8.02 -4.16
C ALA A 164 11.53 8.88 -4.62
N LYS A 165 11.69 10.06 -4.00
CA LYS A 165 12.80 10.95 -4.35
C LYS A 165 14.14 10.32 -4.00
N LEU A 166 14.24 9.65 -2.85
CA LEU A 166 15.48 8.96 -2.51
C LEU A 166 15.80 7.91 -3.56
N ALA A 167 14.79 7.11 -3.96
CA ALA A 167 15.08 6.07 -4.97
C ALA A 167 15.47 6.70 -6.30
N GLU A 168 14.87 7.87 -6.66
CA GLU A 168 15.15 8.53 -7.91
C GLU A 168 16.63 8.99 -7.94
N LEU A 169 17.11 9.60 -6.81
CA LEU A 169 18.47 10.13 -6.71
C LEU A 169 19.49 9.03 -6.56
N ARG A 170 19.07 7.88 -6.04
CA ARG A 170 19.94 6.71 -5.99
C ARG A 170 20.10 6.19 -7.42
N ARG A 171 18.99 5.97 -8.12
CA ARG A 171 19.04 5.38 -9.45
C ARG A 171 19.68 6.29 -10.49
N ASN A 172 19.57 7.63 -10.35
CA ASN A 172 20.22 8.46 -11.37
C ASN A 172 21.66 8.82 -11.01
N GLY A 173 22.16 8.26 -9.90
CA GLY A 173 23.56 8.47 -9.51
C GLY A 173 23.92 9.82 -8.90
N THR A 174 22.90 10.67 -8.61
CA THR A 174 23.05 11.99 -7.95
C THR A 174 23.68 11.79 -6.55
N LEU A 175 23.13 10.81 -5.80
CA LEU A 175 23.56 10.52 -4.43
C LEU A 175 23.92 9.05 -4.38
N PRO A 176 25.13 8.70 -4.89
CA PRO A 176 25.46 7.29 -5.07
C PRO A 176 25.73 6.52 -3.78
N TRP A 177 25.81 7.24 -2.66
CA TRP A 177 25.97 6.63 -1.33
C TRP A 177 24.62 6.07 -0.82
N LEU A 178 23.49 6.38 -1.46
CA LEU A 178 22.20 5.85 -1.02
C LEU A 178 22.06 4.38 -1.30
N ARG A 179 21.36 3.68 -0.40
N ARG A 179 21.35 3.70 -0.41
CA ARG A 179 20.98 2.28 -0.56
CA ARG A 179 21.01 2.30 -0.56
C ARG A 179 19.46 2.20 -0.59
C ARG A 179 19.47 2.18 -0.54
N PRO A 180 18.90 1.02 -0.93
CA PRO A 180 17.45 0.97 -1.13
C PRO A 180 16.53 1.04 0.08
N ASP A 181 17.04 0.75 1.27
CA ASP A 181 16.23 0.71 2.48
C ASP A 181 16.04 2.10 3.05
N SER A 182 14.81 2.60 3.15
CA SER A 182 14.58 3.94 3.70
C SER A 182 13.23 3.95 4.40
N LYS A 183 13.10 4.95 5.30
CA LYS A 183 11.85 5.29 5.99
C LYS A 183 11.72 6.78 6.08
N THR A 184 10.48 7.28 6.02
CA THR A 184 10.24 8.72 6.17
C THR A 184 9.02 8.87 7.05
N GLN A 185 8.84 10.07 7.61
CA GLN A 185 7.70 10.33 8.47
C GLN A 185 7.43 11.80 8.46
N VAL A 186 6.14 12.16 8.25
CA VAL A 186 5.80 13.56 8.14
C VAL A 186 4.68 13.91 9.12
N THR A 187 4.90 14.95 9.91
CA THR A 187 3.89 15.48 10.82
C THR A 187 3.42 16.79 10.22
N VAL A 188 2.11 16.90 9.95
CA VAL A 188 1.50 18.11 9.44
C VAL A 188 0.67 18.72 10.53
N GLN A 189 0.69 20.06 10.57
CA GLN A 189 -0.18 20.85 11.43
C GLN A 189 -1.35 21.27 10.56
N TYR A 190 -2.55 20.89 11.00
CA TYR A 190 -3.79 21.14 10.27
C TYR A 190 -4.68 22.08 11.02
N MET A 191 -5.60 22.70 10.27
CA MET A 191 -6.75 23.40 10.83
C MET A 191 -7.94 22.53 10.41
N GLN A 192 -9.13 22.79 10.96
CA GLN A 192 -10.30 22.01 10.60
C GLN A 192 -11.46 22.92 10.41
N ASP A 193 -12.42 22.48 9.57
CA ASP A 193 -13.66 23.20 9.34
C ASP A 193 -14.78 22.19 9.16
N ARG A 194 -15.59 22.06 10.20
CA ARG A 194 -16.75 21.17 10.24
C ARG A 194 -16.37 19.77 9.75
N GLY A 195 -15.28 19.25 10.31
CA GLY A 195 -14.81 17.91 10.01
C GLY A 195 -13.84 17.82 8.84
N ALA A 196 -13.79 18.81 7.91
CA ALA A 196 -12.78 18.75 6.83
C ALA A 196 -11.45 19.23 7.41
N VAL A 197 -10.35 18.79 6.80
CA VAL A 197 -9.03 19.16 7.32
C VAL A 197 -8.27 19.96 6.33
N LEU A 198 -7.54 20.97 6.83
CA LEU A 198 -6.84 21.94 6.00
C LEU A 198 -5.37 21.97 6.41
N PRO A 199 -4.45 21.49 5.57
CA PRO A 199 -3.03 21.52 5.97
C PRO A 199 -2.50 22.95 6.04
N ILE A 200 -1.77 23.27 7.12
CA ILE A 200 -1.19 24.60 7.33
C ILE A 200 0.32 24.58 7.08
N ARG A 201 1.05 23.68 7.75
CA ARG A 201 2.50 23.64 7.63
C ARG A 201 2.98 22.27 8.03
N VAL A 202 4.23 21.97 7.65
CA VAL A 202 4.90 20.74 8.04
C VAL A 202 5.62 21.03 9.33
N HIS A 203 5.27 20.29 10.38
CA HIS A 203 5.79 20.48 11.72
C HIS A 203 7.10 19.74 11.94
N THR A 204 7.17 18.45 11.50
CA THR A 204 8.35 17.61 11.69
C THR A 204 8.52 16.68 10.52
N ILE A 205 9.77 16.48 10.08
CA ILE A 205 10.08 15.46 9.07
C ILE A 205 11.18 14.56 9.61
N VAL A 206 10.99 13.25 9.45
CA VAL A 206 12.02 12.25 9.71
C VAL A 206 12.42 11.62 8.39
N ILE A 207 13.72 11.42 8.17
CA ILE A 207 14.20 10.59 7.08
C ILE A 207 15.34 9.76 7.61
N SER A 208 15.25 8.44 7.43
CA SER A 208 16.34 7.49 7.71
C SER A 208 16.58 6.68 6.47
N VAL A 209 17.82 6.65 5.98
CA VAL A 209 18.12 5.87 4.77
C VAL A 209 19.46 5.18 4.87
N GLN A 210 19.48 3.93 4.42
CA GLN A 210 20.69 3.13 4.39
C GLN A 210 21.72 3.80 3.47
N HIS A 211 23.02 3.74 3.88
CA HIS A 211 24.05 4.45 3.14
C HIS A 211 25.36 3.68 3.17
N ASP A 212 26.28 4.10 2.31
CA ASP A 212 27.58 3.46 2.24
C ASP A 212 28.50 3.89 3.38
N GLU A 213 29.63 3.19 3.53
CA GLU A 213 30.58 3.37 4.62
C GLU A 213 31.37 4.63 4.53
N GLU A 214 31.40 5.27 3.38
CA GLU A 214 32.28 6.40 3.21
C GLU A 214 31.67 7.78 3.45
N VAL A 215 30.37 7.96 3.19
CA VAL A 215 29.77 9.29 3.31
C VAL A 215 29.61 9.69 4.77
N CYS A 216 29.88 10.96 5.09
CA CYS A 216 29.72 11.39 6.46
C CYS A 216 28.32 11.92 6.74
N LEU A 217 27.99 11.94 8.02
CA LEU A 217 26.70 12.38 8.48
C LEU A 217 26.32 13.78 8.01
N ASP A 218 27.25 14.74 8.07
CA ASP A 218 26.91 16.10 7.62
C ASP A 218 26.59 16.18 6.13
N GLU A 219 27.32 15.40 5.33
CA GLU A 219 27.03 15.39 3.89
C GLU A 219 25.64 14.82 3.67
N MET A 220 25.31 13.75 4.39
CA MET A 220 23.99 13.16 4.20
C MET A 220 22.89 14.11 4.66
N ARG A 221 23.04 14.74 5.83
CA ARG A 221 21.99 15.61 6.34
CA ARG A 221 21.99 15.60 6.33
C ARG A 221 21.76 16.80 5.42
N ASP A 222 22.84 17.38 4.89
CA ASP A 222 22.69 18.49 3.98
C ASP A 222 21.97 18.04 2.70
N ALA A 223 22.35 16.90 2.12
CA ALA A 223 21.69 16.41 0.91
C ALA A 223 20.24 16.06 1.17
N LEU A 224 19.93 15.46 2.32
CA LEU A 224 18.54 15.15 2.63
C LEU A 224 17.67 16.39 2.73
N LYS A 225 18.19 17.47 3.30
CA LYS A 225 17.39 18.68 3.37
C LYS A 225 17.27 19.35 1.99
N GLU A 226 18.40 19.55 1.31
CA GLU A 226 18.41 20.35 0.08
C GLU A 226 17.94 19.63 -1.17
N LYS A 227 18.32 18.37 -1.32
CA LYS A 227 18.03 17.64 -2.56
C LYS A 227 16.84 16.72 -2.45
N VAL A 228 16.42 16.41 -1.20
CA VAL A 228 15.28 15.51 -1.01
C VAL A 228 14.09 16.31 -0.51
N ILE A 229 14.15 16.83 0.71
CA ILE A 229 13.00 17.57 1.23
C ILE A 229 12.62 18.77 0.38
N LYS A 230 13.58 19.63 0.02
CA LYS A 230 13.20 20.81 -0.75
C LYS A 230 12.70 20.46 -2.13
N ALA A 231 13.10 19.30 -2.66
CA ALA A 231 12.64 18.88 -3.97
C ALA A 231 11.24 18.25 -3.95
N VAL A 232 10.67 18.00 -2.76
CA VAL A 232 9.37 17.36 -2.60
C VAL A 232 8.34 18.23 -1.89
N VAL A 233 8.72 18.82 -0.75
CA VAL A 233 7.76 19.55 0.07
C VAL A 233 7.71 21.02 -0.32
N PRO A 234 6.54 21.55 -0.69
CA PRO A 234 6.43 22.98 -1.03
C PRO A 234 6.99 23.86 0.08
N ALA A 235 7.76 24.89 -0.31
CA ALA A 235 8.40 25.80 0.64
C ALA A 235 7.36 26.48 1.56
N LYS A 236 6.14 26.67 1.06
CA LYS A 236 5.08 27.33 1.85
C LYS A 236 4.76 26.55 3.14
N TYR A 237 5.08 25.24 3.18
CA TYR A 237 4.82 24.43 4.37
C TYR A 237 6.01 24.40 5.33
N LEU A 238 7.19 24.89 4.89
CA LEU A 238 8.41 24.80 5.70
C LEU A 238 8.79 26.15 6.24
N ASP A 239 9.13 26.22 7.52
CA ASP A 239 9.49 27.51 8.10
C ASP A 239 10.59 27.32 9.13
N GLU A 240 10.94 28.39 9.85
CA GLU A 240 12.04 28.40 10.82
C GLU A 240 11.82 27.44 11.97
N ASP A 241 10.56 27.09 12.24
CA ASP A 241 10.20 26.20 13.34
C ASP A 241 10.10 24.73 12.95
N THR A 242 10.08 24.40 11.63
CA THR A 242 10.00 22.99 11.20
C THR A 242 11.17 22.20 11.80
N ILE A 243 10.86 21.03 12.37
CA ILE A 243 11.84 20.16 13.01
C ILE A 243 12.28 19.10 12.03
N TYR A 244 13.60 18.93 11.88
CA TYR A 244 14.16 17.94 10.96
C TYR A 244 14.96 16.90 11.72
N HIS A 245 14.56 15.63 11.58
CA HIS A 245 15.27 14.49 12.14
C HIS A 245 15.82 13.69 10.95
N LEU A 246 17.05 14.02 10.54
CA LEU A 246 17.67 13.45 9.32
C LEU A 246 18.79 12.55 9.76
N GLN A 247 18.70 11.29 9.35
CA GLN A 247 19.61 10.25 9.85
C GLN A 247 19.71 10.34 11.39
N PRO A 248 18.57 10.35 12.12
CA PRO A 248 18.62 10.53 13.58
C PRO A 248 19.30 9.41 14.34
N SER A 249 19.43 8.21 13.74
CA SER A 249 20.17 7.17 14.45
C SER A 249 21.68 7.40 14.38
N GLY A 250 22.13 8.27 13.48
CA GLY A 250 23.54 8.59 13.30
C GLY A 250 24.31 7.68 12.36
N ARG A 251 23.87 6.43 12.14
CA ARG A 251 24.57 5.48 11.28
C ARG A 251 23.61 4.41 10.86
N PHE A 252 23.57 4.17 9.55
CA PHE A 252 22.65 3.18 8.94
C PHE A 252 23.35 2.56 7.75
N VAL A 253 24.45 1.85 8.03
CA VAL A 253 25.21 1.14 6.96
C VAL A 253 24.57 -0.24 6.76
N ILE A 254 24.36 -0.98 7.86
CA ILE A 254 23.64 -2.25 7.81
C ILE A 254 22.19 -1.95 7.55
N GLY A 255 21.60 -2.59 6.56
CA GLY A 255 20.20 -2.33 6.23
C GLY A 255 19.60 -3.46 5.43
N GLY A 256 18.41 -3.22 4.92
CA GLY A 256 17.69 -4.27 4.22
C GLY A 256 17.40 -5.41 5.18
N PRO A 257 17.18 -6.63 4.62
CA PRO A 257 16.89 -7.80 5.47
C PRO A 257 17.99 -8.11 6.48
N GLN A 258 19.26 -7.72 6.18
CA GLN A 258 20.32 -7.96 7.15
C GLN A 258 20.10 -7.15 8.43
N GLY A 259 19.59 -5.92 8.31
CA GLY A 259 19.34 -5.13 9.51
C GLY A 259 18.06 -5.48 10.25
N ASP A 260 17.06 -6.05 9.55
CA ASP A 260 15.75 -6.25 10.13
C ASP A 260 14.96 -7.23 9.31
N ALA A 261 14.50 -8.33 9.91
CA ALA A 261 13.70 -9.30 9.18
C ALA A 261 12.42 -8.66 8.65
N GLY A 262 12.10 -8.94 7.38
CA GLY A 262 10.87 -8.43 6.77
C GLY A 262 9.88 -9.55 6.48
N LEU A 263 8.60 -9.16 6.43
CA LEU A 263 7.51 -10.10 6.13
C LEU A 263 6.48 -9.41 5.28
N THR A 264 5.75 -10.18 4.44
CA THR A 264 4.63 -9.62 3.68
C THR A 264 3.53 -9.15 4.68
N GLY A 265 2.91 -8.01 4.37
CA GLY A 265 1.75 -7.56 5.13
C GLY A 265 2.06 -6.99 6.50
N ARG A 266 3.25 -6.39 6.62
CA ARG A 266 3.70 -5.71 7.81
C ARG A 266 3.79 -4.19 7.64
N LYS A 267 3.24 -3.69 6.51
CA LYS A 267 3.19 -2.26 6.22
C LYS A 267 1.79 -1.88 5.75
N ILE A 268 0.79 -2.36 6.49
CA ILE A 268 -0.57 -2.23 5.99
C ILE A 268 -1.11 -0.82 6.09
N ILE A 269 -0.52 0.00 6.98
CA ILE A 269 -0.93 1.38 7.18
C ILE A 269 -0.20 2.28 6.15
N VAL A 270 1.07 1.97 5.86
CA VAL A 270 1.78 2.61 4.75
C VAL A 270 1.06 2.29 3.43
N ASP A 271 0.50 1.08 3.32
CA ASP A 271 -0.18 0.69 2.08
C ASP A 271 -1.48 1.43 1.88
N THR A 272 -2.06 2.01 2.96
CA THR A 272 -3.39 2.58 2.93
C THR A 272 -3.38 4.05 3.29
N TYR A 273 -3.77 4.44 4.51
CA TYR A 273 -4.05 5.83 4.80
C TYR A 273 -3.19 6.49 5.86
N GLY A 274 -2.09 5.85 6.25
CA GLY A 274 -1.14 6.55 7.12
C GLY A 274 -1.65 6.91 8.50
N GLY A 275 -2.59 6.12 9.02
CA GLY A 275 -3.18 6.35 10.33
C GLY A 275 -4.57 6.96 10.25
N TRP A 276 -4.84 7.71 9.12
CA TRP A 276 -6.17 8.27 8.94
C TRP A 276 -7.15 7.13 8.59
N GLY A 277 -8.43 7.44 8.69
CA GLY A 277 -9.42 6.43 8.34
C GLY A 277 -9.43 5.31 9.36
N ALA A 278 -9.26 4.07 8.90
CA ALA A 278 -9.26 2.88 9.76
C ALA A 278 -8.71 1.72 8.96
N HIS A 279 -8.49 0.58 9.61
CA HIS A 279 -8.02 -0.61 8.89
C HIS A 279 -8.67 -1.84 9.53
N GLY A 280 -9.00 -2.80 8.65
CA GLY A 280 -9.55 -4.08 9.09
C GLY A 280 -8.54 -5.16 9.43
N GLY A 281 -7.26 -4.93 9.10
CA GLY A 281 -6.20 -5.85 9.46
C GLY A 281 -5.57 -6.66 8.35
N GLY A 282 -6.29 -6.82 7.25
CA GLY A 282 -5.81 -7.67 6.15
C GLY A 282 -4.68 -7.05 5.35
N ALA A 283 -3.77 -7.89 4.91
CA ALA A 283 -2.66 -7.52 4.04
C ALA A 283 -3.10 -7.67 2.59
N PHE A 284 -2.55 -6.85 1.72
CA PHE A 284 -2.90 -6.92 0.29
C PHE A 284 -2.05 -7.85 -0.54
N SER A 285 -0.71 -7.75 -0.37
CA SER A 285 0.18 -8.38 -1.34
C SER A 285 0.20 -9.89 -1.30
N GLY A 286 0.36 -10.49 -2.47
CA GLY A 286 0.43 -11.95 -2.61
C GLY A 286 -0.91 -12.63 -2.71
N LYS A 287 -2.02 -11.88 -2.87
CA LYS A 287 -3.38 -12.44 -2.87
C LYS A 287 -4.14 -12.09 -4.14
N ASP A 288 -4.82 -13.09 -4.72
CA ASP A 288 -5.70 -12.87 -5.86
C ASP A 288 -7.04 -12.24 -5.38
N TYR A 289 -7.89 -11.87 -6.34
CA TYR A 289 -9.11 -11.11 -6.04
C TYR A 289 -10.08 -11.80 -5.11
N THR A 290 -10.04 -13.13 -5.04
CA THR A 290 -11.03 -13.80 -4.18
C THR A 290 -10.76 -13.54 -2.71
N LYS A 291 -9.54 -13.06 -2.38
CA LYS A 291 -9.21 -12.70 -1.00
C LYS A 291 -9.69 -11.24 -0.84
N VAL A 292 -10.86 -11.09 -0.19
CA VAL A 292 -11.50 -9.81 0.03
C VAL A 292 -10.66 -8.83 0.86
N ASP A 293 -9.64 -9.30 1.57
CA ASP A 293 -8.72 -8.38 2.23
C ASP A 293 -8.21 -7.35 1.24
N ARG A 294 -7.96 -7.78 0.00
CA ARG A 294 -7.50 -6.87 -1.05
C ARG A 294 -8.67 -6.32 -1.86
N SER A 295 -9.42 -7.17 -2.55
CA SER A 295 -10.44 -6.66 -3.45
C SER A 295 -11.48 -5.77 -2.78
N ALA A 296 -11.94 -6.12 -1.57
CA ALA A 296 -12.96 -5.29 -0.96
C ALA A 296 -12.39 -4.01 -0.40
N ALA A 297 -11.11 -4.00 -0.01
CA ALA A 297 -10.48 -2.75 0.42
C ALA A 297 -10.31 -1.84 -0.80
N TYR A 298 -9.97 -2.41 -1.97
CA TYR A 298 -9.86 -1.58 -3.16
C TYR A 298 -11.24 -1.02 -3.51
N ALA A 299 -12.28 -1.88 -3.45
CA ALA A 299 -13.64 -1.40 -3.77
C ALA A 299 -14.08 -0.35 -2.76
N ALA A 300 -13.72 -0.52 -1.47
CA ALA A 300 -14.14 0.47 -0.48
C ALA A 300 -13.45 1.84 -0.70
N ARG A 301 -12.18 1.82 -1.14
CA ARG A 301 -11.49 3.05 -1.54
C ARG A 301 -12.27 3.68 -2.71
N TRP A 302 -12.66 2.88 -3.71
CA TRP A 302 -13.41 3.33 -4.88
C TRP A 302 -14.71 3.99 -4.48
N VAL A 303 -15.44 3.37 -3.52
CA VAL A 303 -16.67 3.98 -3.00
C VAL A 303 -16.37 5.34 -2.35
N ALA A 304 -15.40 5.37 -1.42
CA ALA A 304 -15.08 6.60 -0.69
C ALA A 304 -14.67 7.72 -1.63
N LYS A 305 -13.77 7.41 -2.57
CA LYS A 305 -13.35 8.40 -3.54
C LYS A 305 -14.51 8.86 -4.43
N SER A 306 -15.45 7.97 -4.77
CA SER A 306 -16.63 8.33 -5.56
C SER A 306 -17.55 9.29 -4.80
N LEU A 307 -17.68 9.09 -3.47
CA LEU A 307 -18.51 9.99 -2.64
C LEU A 307 -17.89 11.38 -2.54
N VAL A 308 -16.56 11.46 -2.41
CA VAL A 308 -15.88 12.75 -2.29
C VAL A 308 -15.82 13.46 -3.65
N LYS A 309 -15.43 12.75 -4.72
CA LYS A 309 -15.41 13.39 -6.04
C LYS A 309 -16.80 13.69 -6.58
N GLY A 310 -17.81 13.01 -6.06
CA GLY A 310 -19.20 13.27 -6.40
C GLY A 310 -19.79 14.45 -5.65
N GLY A 311 -19.00 15.08 -4.77
CA GLY A 311 -19.44 16.25 -4.00
C GLY A 311 -20.38 15.98 -2.85
N LEU A 312 -20.50 14.71 -2.42
CA LEU A 312 -21.40 14.37 -1.31
C LEU A 312 -20.77 14.56 0.05
N CYS A 313 -19.47 14.66 0.13
N CYS A 313 -19.43 14.35 0.16
CA CYS A 313 -18.79 14.85 1.40
CA CYS A 313 -18.62 14.48 1.39
C CYS A 313 -17.37 15.24 1.12
C CYS A 313 -17.37 15.24 1.08
N ARG A 314 -16.74 15.86 2.09
CA ARG A 314 -15.38 16.33 1.98
C ARG A 314 -14.41 15.21 2.39
N ARG A 315 -14.82 14.38 3.36
CA ARG A 315 -14.03 13.22 3.87
C ARG A 315 -15.03 12.14 4.18
N VAL A 316 -14.64 10.87 4.00
CA VAL A 316 -15.57 9.78 4.32
C VAL A 316 -14.79 8.50 4.52
N LEU A 317 -15.35 7.68 5.43
CA LEU A 317 -14.88 6.35 5.76
C LEU A 317 -16.01 5.38 5.47
N VAL A 318 -15.65 4.24 4.85
CA VAL A 318 -16.57 3.16 4.51
C VAL A 318 -16.07 1.87 5.12
N GLN A 319 -16.91 1.16 5.88
CA GLN A 319 -16.58 -0.19 6.33
C GLN A 319 -17.44 -1.18 5.53
N VAL A 320 -16.85 -2.34 5.23
CA VAL A 320 -17.53 -3.50 4.63
CA VAL A 320 -17.56 -3.47 4.64
C VAL A 320 -17.04 -4.72 5.38
N SER A 321 -17.84 -5.80 5.41
CA SER A 321 -17.38 -7.05 6.01
C SER A 321 -17.99 -8.24 5.30
N TYR A 322 -17.34 -9.42 5.47
CA TYR A 322 -17.70 -10.65 4.77
C TYR A 322 -17.62 -11.86 5.67
N ALA A 323 -18.25 -12.95 5.22
CA ALA A 323 -18.08 -14.28 5.81
C ALA A 323 -17.48 -15.17 4.72
N ILE A 324 -16.55 -16.07 5.07
CA ILE A 324 -16.00 -16.98 4.06
C ILE A 324 -17.14 -17.78 3.40
N GLY A 325 -17.09 -17.87 2.07
CA GLY A 325 -18.05 -18.65 1.31
C GLY A 325 -19.33 -17.91 0.97
N VAL A 326 -19.51 -16.69 1.47
CA VAL A 326 -20.73 -15.92 1.24
C VAL A 326 -20.39 -14.74 0.32
N SER A 327 -21.18 -14.54 -0.73
CA SER A 327 -20.86 -13.49 -1.71
CA SER A 327 -20.90 -13.50 -1.73
C SER A 327 -21.17 -12.07 -1.23
N HIS A 328 -22.42 -11.81 -0.79
CA HIS A 328 -22.78 -10.45 -0.38
C HIS A 328 -22.12 -10.07 0.92
N PRO A 329 -21.70 -8.80 1.05
CA PRO A 329 -21.15 -8.33 2.33
C PRO A 329 -22.18 -8.51 3.45
N LEU A 330 -21.67 -8.73 4.66
CA LEU A 330 -22.52 -8.87 5.84
C LEU A 330 -22.96 -7.53 6.40
N SER A 331 -22.14 -6.51 6.19
CA SER A 331 -22.43 -5.16 6.67
C SER A 331 -21.71 -4.16 5.81
N ILE A 332 -22.29 -2.96 5.72
CA ILE A 332 -21.69 -1.78 5.08
C ILE A 332 -22.03 -0.60 5.99
N SER A 333 -21.02 0.27 6.25
CA SER A 333 -21.22 1.40 7.12
C SER A 333 -20.49 2.61 6.63
N ILE A 334 -20.98 3.81 6.99
CA ILE A 334 -20.42 5.07 6.51
C ILE A 334 -20.19 6.04 7.67
N PHE A 335 -19.06 6.76 7.64
CA PHE A 335 -18.77 7.81 8.63
C PHE A 335 -18.29 9.02 7.82
N HIS A 336 -19.03 10.14 7.88
CA HIS A 336 -18.70 11.30 7.05
C HIS A 336 -17.98 12.42 7.79
N TYR A 337 -17.63 12.21 9.09
CA TYR A 337 -16.87 13.16 9.91
C TYR A 337 -17.59 14.51 10.08
N GLY A 338 -18.87 14.58 9.72
CA GLY A 338 -19.63 15.84 9.78
C GLY A 338 -19.54 16.62 8.48
N THR A 339 -18.95 16.05 7.41
CA THR A 339 -18.66 16.78 6.16
C THR A 339 -19.68 16.61 5.04
N SER A 340 -20.87 16.17 5.37
CA SER A 340 -21.96 16.05 4.40
C SER A 340 -23.19 16.68 4.99
N GLN A 341 -24.06 17.23 4.15
CA GLN A 341 -25.37 17.67 4.61
C GLN A 341 -26.27 16.43 4.74
N LYS A 342 -25.95 15.35 3.98
CA LYS A 342 -26.73 14.11 4.05
C LYS A 342 -26.34 13.31 5.27
N SER A 343 -27.29 12.59 5.83
CA SER A 343 -26.97 11.75 6.98
C SER A 343 -26.16 10.56 6.51
N GLU A 344 -25.49 9.88 7.46
CA GLU A 344 -24.79 8.65 7.11
C GLU A 344 -25.75 7.59 6.58
N ARG A 345 -27.00 7.55 7.11
CA ARG A 345 -28.02 6.63 6.61
C ARG A 345 -28.31 6.89 5.13
N GLU A 346 -28.47 8.17 4.74
CA GLU A 346 -28.73 8.53 3.34
CA GLU A 346 -28.75 8.50 3.35
C GLU A 346 -27.54 8.16 2.46
N LEU A 347 -26.31 8.46 2.93
CA LEU A 347 -25.12 8.10 2.14
C LEU A 347 -25.04 6.59 1.97
N LEU A 348 -25.36 5.82 3.02
CA LEU A 348 -25.34 4.36 2.90
C LEU A 348 -26.33 3.89 1.83
N GLU A 349 -27.53 4.49 1.80
CA GLU A 349 -28.50 4.13 0.79
C GLU A 349 -27.99 4.44 -0.62
N ILE A 350 -27.29 5.57 -0.81
CA ILE A 350 -26.70 5.92 -2.10
C ILE A 350 -25.64 4.87 -2.45
N VAL A 351 -24.81 4.44 -1.47
CA VAL A 351 -23.80 3.42 -1.76
C VAL A 351 -24.48 2.15 -2.22
N LYS A 352 -25.53 1.69 -1.49
CA LYS A 352 -26.20 0.44 -1.85
C LYS A 352 -26.89 0.50 -3.19
N LYS A 353 -27.34 1.67 -3.63
CA LYS A 353 -27.98 1.80 -4.93
C LYS A 353 -26.96 1.84 -6.08
N ASN A 354 -25.69 2.18 -5.79
CA ASN A 354 -24.70 2.38 -6.83
C ASN A 354 -23.61 1.35 -6.90
N PHE A 355 -23.43 0.54 -5.85
CA PHE A 355 -22.32 -0.41 -5.83
C PHE A 355 -22.79 -1.78 -5.45
N ASP A 356 -22.10 -2.79 -5.99
CA ASP A 356 -22.33 -4.19 -5.66
C ASP A 356 -20.98 -4.74 -5.24
N LEU A 357 -20.82 -4.96 -3.93
CA LEU A 357 -19.54 -5.33 -3.36
C LEU A 357 -19.33 -6.83 -3.18
N ARG A 358 -20.05 -7.63 -3.97
CA ARG A 358 -19.72 -9.05 -4.05
C ARG A 358 -18.33 -9.15 -4.74
N PRO A 359 -17.45 -10.05 -4.28
CA PRO A 359 -16.13 -10.15 -4.91
C PRO A 359 -16.21 -10.49 -6.39
N GLY A 360 -17.20 -11.30 -6.79
CA GLY A 360 -17.35 -11.67 -8.20
C GLY A 360 -17.88 -10.54 -9.07
N VAL A 361 -18.32 -9.42 -8.48
CA VAL A 361 -18.69 -8.24 -9.25
C VAL A 361 -17.50 -7.25 -9.20
N ILE A 362 -16.88 -7.07 -8.03
CA ILE A 362 -15.70 -6.21 -7.89
C ILE A 362 -14.64 -6.62 -8.91
N VAL A 363 -14.41 -7.92 -9.11
CA VAL A 363 -13.37 -8.35 -10.05
C VAL A 363 -13.61 -7.78 -11.46
N ARG A 364 -14.86 -7.72 -11.89
CA ARG A 364 -15.20 -7.19 -13.19
C ARG A 364 -15.06 -5.68 -13.20
N ASP A 365 -15.65 -4.99 -12.21
CA ASP A 365 -15.58 -3.52 -12.19
C ASP A 365 -14.16 -3.00 -12.09
N LEU A 366 -13.30 -3.69 -11.33
CA LEU A 366 -11.95 -3.18 -11.08
C LEU A 366 -10.87 -3.94 -11.86
N ASP A 367 -11.30 -4.87 -12.73
CA ASP A 367 -10.39 -5.63 -13.62
C ASP A 367 -9.27 -6.32 -12.85
N LEU A 368 -9.66 -7.04 -11.77
CA LEU A 368 -8.70 -7.55 -10.80
C LEU A 368 -7.97 -8.84 -11.17
N LYS A 369 -8.18 -9.34 -12.39
CA LYS A 369 -7.35 -10.45 -12.85
C LYS A 369 -6.13 -9.88 -13.60
N LYS A 370 -6.06 -8.56 -13.82
CA LYS A 370 -4.91 -8.00 -14.54
C LYS A 370 -3.64 -8.02 -13.68
N PRO A 371 -2.49 -8.41 -14.28
CA PRO A 371 -1.24 -8.52 -13.52
C PRO A 371 -0.56 -7.15 -13.31
N ILE A 372 -1.18 -6.24 -12.52
CA ILE A 372 -0.58 -4.93 -12.24
C ILE A 372 -0.26 -4.82 -10.76
N TYR A 373 -0.25 -5.95 -10.05
CA TYR A 373 -0.10 -5.89 -8.60
C TYR A 373 1.27 -5.49 -8.09
N GLN A 374 2.35 -5.91 -8.76
CA GLN A 374 3.66 -5.48 -8.24
C GLN A 374 3.77 -3.95 -8.24
N ARG A 375 3.10 -3.26 -9.18
CA ARG A 375 3.10 -1.79 -9.20
C ARG A 375 2.47 -1.17 -7.96
N THR A 376 1.54 -1.88 -7.31
CA THR A 376 0.87 -1.37 -6.12
C THR A 376 1.67 -1.53 -4.84
N ALA A 377 2.72 -2.38 -4.86
CA ALA A 377 3.35 -2.86 -3.64
C ALA A 377 4.42 -1.97 -3.01
N ALA A 378 4.63 -0.75 -3.55
CA ALA A 378 5.43 0.27 -2.88
C ALA A 378 4.73 1.58 -3.14
N TYR A 379 4.90 2.54 -2.22
CA TYR A 379 4.38 3.92 -2.35
C TYR A 379 2.86 4.02 -2.18
N GLY A 380 2.25 2.99 -1.58
CA GLY A 380 0.82 3.02 -1.32
C GLY A 380 -0.01 2.44 -2.45
N HIS A 381 -1.15 1.82 -2.09
CA HIS A 381 -2.02 1.25 -3.13
C HIS A 381 -3.00 2.24 -3.70
N PHE A 382 -3.13 3.40 -3.05
CA PHE A 382 -4.14 4.40 -3.34
C PHE A 382 -3.56 5.74 -3.70
N GLY A 383 -4.35 6.52 -4.41
CA GLY A 383 -4.00 7.89 -4.77
C GLY A 383 -2.95 8.05 -5.83
N ARG A 384 -2.70 6.97 -6.62
CA ARG A 384 -1.67 6.99 -7.67
C ARG A 384 -2.16 6.30 -8.93
N ASP A 385 -1.65 6.74 -10.10
CA ASP A 385 -1.71 6.06 -11.39
C ASP A 385 -3.05 5.76 -12.04
N SER A 386 -4.13 6.29 -11.51
CA SER A 386 -5.46 6.09 -12.06
C SER A 386 -5.77 4.62 -12.29
N PHE A 387 -5.44 3.78 -11.27
CA PHE A 387 -5.86 2.37 -11.24
C PHE A 387 -7.40 2.41 -11.21
N PRO A 388 -8.10 1.30 -11.54
CA PRO A 388 -9.55 1.38 -11.62
C PRO A 388 -10.26 1.88 -10.36
N TRP A 389 -9.72 1.55 -9.17
CA TRP A 389 -10.32 1.97 -7.91
C TRP A 389 -10.13 3.46 -7.62
N GLU A 390 -9.32 4.15 -8.45
CA GLU A 390 -9.04 5.58 -8.34
C GLU A 390 -9.89 6.40 -9.31
N VAL A 391 -10.65 5.74 -10.20
CA VAL A 391 -11.49 6.43 -11.19
C VAL A 391 -12.88 6.47 -10.59
N PRO A 392 -13.39 7.63 -10.14
CA PRO A 392 -14.70 7.62 -9.47
C PRO A 392 -15.84 7.10 -10.32
N LYS A 393 -16.79 6.47 -9.67
CA LYS A 393 -18.02 6.06 -10.35
C LYS A 393 -19.00 7.23 -10.28
N LYS A 394 -19.67 7.54 -11.41
CA LYS A 394 -20.72 8.57 -11.46
C LYS A 394 -21.94 8.03 -10.69
N LEU A 395 -22.39 8.74 -9.66
CA LEU A 395 -23.45 8.24 -8.80
C LEU A 395 -24.83 8.71 -9.21
N LYS A 396 -25.82 7.82 -9.10
CA LYS A 396 -27.23 8.10 -9.40
C LYS A 396 -28.01 8.05 -8.11
N TYR A 397 -28.81 9.10 -7.82
CA TYR A 397 -29.64 9.21 -6.60
C TYR A 397 -30.62 10.38 -6.74
S DMS B . 8.58 20.40 -4.94
O DMS B . 9.23 21.09 -6.09
C1 DMS B . 8.85 21.47 -3.58
C2 DMS B . 6.86 20.76 -5.03
C1 TO5 C . -21.31 6.45 13.59
C2 TO5 C . -19.00 5.66 14.24
C3 TO5 C . -16.76 5.67 14.90
C7 TO5 C . -12.38 5.03 12.63
C8 TO5 C . -14.34 6.21 12.74
C9 TO5 C . -17.36 4.85 12.67
C10 TO5 C . -16.98 4.27 11.45
C11 TO5 C . -17.95 3.85 10.57
C12 TO5 C . -19.30 3.99 10.85
C13 TO5 C . -19.69 4.55 12.06
C14 TO5 C . -18.73 4.99 12.98
CL TO5 C . -17.48 3.14 9.05
N TO5 C . -20.20 6.22 14.55
C TO5 C . -20.44 6.82 15.87
N2 TO5 C . -16.40 5.27 13.59
O TO5 C . -15.86 5.84 15.71
N1 TO5 C . -18.08 5.87 15.19
C4 TO5 C . -15.00 5.15 13.26
N3 TO5 C . -13.04 6.18 12.42
C6 TO5 C . -12.96 3.90 13.17
C5 TO5 C . -14.31 3.96 13.49
N SAM D . 14.39 -5.28 14.30
CA SAM D . 15.05 -4.01 14.72
C SAM D . 15.94 -4.21 15.93
O SAM D . 16.10 -3.34 16.76
OXT SAM D . 16.53 -5.37 15.98
CB SAM D . 13.96 -2.94 15.00
CG SAM D . 13.22 -2.48 13.74
SD SAM D . 14.27 -1.57 12.55
CE SAM D . 14.63 -0.02 13.45
C5' SAM D . 12.96 -1.12 11.44
C4' SAM D . 13.41 -0.47 10.15
O4' SAM D . 14.23 0.67 10.47
C3' SAM D . 14.28 -1.30 9.21
O3' SAM D . 13.49 -2.19 8.42
C2' SAM D . 14.95 -0.21 8.38
O2' SAM D . 14.05 0.36 7.42
C1' SAM D . 15.21 0.83 9.47
N9 SAM D . 16.55 0.76 10.04
C8 SAM D . 17.41 -0.31 10.08
N7 SAM D . 18.58 -0.03 10.61
C5 SAM D . 18.50 1.33 10.89
C6 SAM D . 19.43 2.25 11.42
N6 SAM D . 20.67 1.93 11.78
N1 SAM D . 19.02 3.53 11.55
C2 SAM D . 17.79 3.87 11.18
N3 SAM D . 16.82 3.09 10.67
C4 SAM D . 17.25 1.82 10.56
CL CL E . 9.78 -1.20 10.14
#